data_3N9O
#
_entry.id   3N9O
#
_cell.length_a   69.090
_cell.length_b   87.379
_cell.length_c   102.727
_cell.angle_alpha   90.00
_cell.angle_beta   90.00
_cell.angle_gamma   90.00
#
_symmetry.space_group_name_H-M   'P 21 21 21'
#
loop_
_entity.id
_entity.type
_entity.pdbx_description
1 polymer 'Putative uncharacterized protein'
2 polymer 'Histone H3 peptide'
3 polymer 'Histone H3 peptide'
4 non-polymer 'FE (II) ION'
5 non-polymer 'ZINC ION'
6 non-polymer N-OXALYLGLYCINE
7 water water
#
loop_
_entity_poly.entity_id
_entity_poly.type
_entity_poly.pdbx_seq_one_letter_code
_entity_poly.pdbx_strand_id
1 'polypeptide(L)'
;EFHMEQKTPKESDRCGGCGKFTHEDDLIALEEEKKKEKEKPLMSKKKSHHHKKNDFQWIGCDSCQTWYHFLCSGLEQFEY
YLYEKFFCPKCVPHTGHSIRYKVVAPHRYRWYSPNEKHLGIEVGSKTWIEDFITRENTVPSPTDDEVCIVEDGYEFRREF
EKLGGADNWGKVFMVKDMDGLNMTMPKPGFDLEDVVKIMGSDYEVDTIDVYNQSTYSMKLDTFRKLFRDTKNRPLLYNFL
SLEFSDNNEMKEIAKPPRFVQEISMVNRLWPDVSGAEYIKLLQREEYLPEDQRPKVEQFCLAGMAGSYTDFHVDFGGSSV
YYHILKGEKIFYIAAPTEQNFAAYQAHETSPDTTTWFGDIANGAVKRVVIKEGQTLLIPAGWIHAVLTPVDSLVFGGNFL
HLGNLEMQMRVYHLENAIRKEIRSEEKFYFPNFELLHWMYMRNVLLEKITEANQEGSDMREQEKNIWTASQIMKAEMERW
MDRELRLGPEKNAILPTDDKNKIMISVRKQIEIQTKIQNAKNKPMGLK
;
A
2 'polypeptide(L)' ART(M3L)QTARKSTGGKA B
3 'polypeptide(L)' ARTKQTAR(MLY)STGGKAPR C
#
# COMPACT_ATOMS: atom_id res chain seq x y z
N PRO A 9 10.40 -42.61 11.26
CA PRO A 9 11.04 -41.85 10.18
C PRO A 9 12.56 -42.03 10.17
N LYS A 10 13.29 -40.93 10.11
CA LYS A 10 14.75 -41.01 9.94
C LYS A 10 15.47 -39.81 10.57
N GLU A 11 16.37 -40.09 11.52
CA GLU A 11 16.98 -39.06 12.37
C GLU A 11 17.60 -37.89 11.62
N SER A 12 18.31 -38.15 10.54
CA SER A 12 18.94 -37.09 9.76
C SER A 12 17.90 -36.03 9.36
N ASP A 13 16.64 -36.44 9.27
CA ASP A 13 15.58 -35.56 8.80
C ASP A 13 14.79 -34.90 9.93
N ARG A 14 15.39 -34.83 11.13
CA ARG A 14 14.75 -34.14 12.25
C ARG A 14 15.34 -32.75 12.40
N CYS A 15 14.49 -31.74 12.49
CA CYS A 15 14.97 -30.36 12.61
C CYS A 15 15.81 -30.18 13.86
N GLY A 16 17.03 -29.70 13.66
CA GLY A 16 17.97 -29.48 14.75
C GLY A 16 17.61 -28.27 15.58
N GLY A 17 16.46 -27.67 15.28
CA GLY A 17 15.98 -26.52 16.00
C GLY A 17 14.88 -26.88 16.97
N CYS A 18 13.73 -27.24 16.43
CA CYS A 18 12.58 -27.62 17.24
C CYS A 18 12.61 -29.11 17.58
N GLY A 19 13.58 -29.82 17.01
CA GLY A 19 13.74 -31.24 17.26
C GLY A 19 12.51 -32.05 16.87
N LYS A 20 11.93 -31.73 15.71
CA LYS A 20 10.79 -32.48 15.20
C LYS A 20 10.91 -32.72 13.70
N PHE A 21 10.13 -33.65 13.18
CA PHE A 21 10.11 -33.94 11.75
C PHE A 21 9.15 -33.00 11.01
N THR A 22 8.07 -32.65 11.69
CA THR A 22 7.08 -31.72 11.14
C THR A 22 7.01 -30.48 12.03
N HIS A 23 7.17 -29.30 11.43
CA HIS A 23 7.04 -28.07 12.19
C HIS A 23 5.62 -27.97 12.73
N GLU A 24 5.44 -27.14 13.76
CA GLU A 24 4.10 -26.95 14.33
C GLU A 24 3.13 -26.45 13.27
N ASP A 25 3.47 -25.33 12.64
CA ASP A 25 2.65 -24.72 11.60
C ASP A 25 2.19 -25.75 10.58
N LYS A 52 6.96 -15.84 10.28
CA LYS A 52 5.50 -15.79 10.32
C LYS A 52 4.89 -17.15 9.99
N LYS A 53 5.13 -17.62 8.76
CA LYS A 53 4.60 -18.91 8.32
C LYS A 53 5.71 -19.77 7.72
N ASN A 54 6.01 -20.89 8.36
CA ASN A 54 7.10 -21.76 7.91
C ASN A 54 6.90 -22.30 6.51
N ASP A 55 5.64 -22.47 6.13
CA ASP A 55 5.30 -23.27 4.96
C ASP A 55 5.85 -24.64 5.34
N PHE A 56 6.34 -25.39 4.36
CA PHE A 56 6.97 -26.67 4.66
C PHE A 56 8.41 -26.64 4.17
N GLN A 57 9.18 -25.66 4.65
CA GLN A 57 10.49 -25.40 4.07
C GLN A 57 11.67 -25.58 5.03
N TRP A 58 12.75 -26.15 4.50
CA TRP A 58 13.94 -26.44 5.28
C TRP A 58 15.16 -25.78 4.66
N ILE A 59 16.20 -25.57 5.49
CA ILE A 59 17.52 -25.20 5.00
C ILE A 59 18.55 -26.05 5.72
N GLY A 60 19.55 -26.52 4.99
CA GLY A 60 20.59 -27.37 5.55
C GLY A 60 21.87 -26.64 5.90
N CYS A 61 22.48 -27.01 7.02
CA CYS A 61 23.76 -26.42 7.41
C CYS A 61 24.89 -26.98 6.57
N ASP A 62 25.73 -26.09 6.04
CA ASP A 62 26.83 -26.50 5.18
C ASP A 62 28.03 -27.03 5.96
N SER A 63 27.95 -26.96 7.28
CA SER A 63 29.02 -27.45 8.13
C SER A 63 28.68 -28.81 8.74
N CYS A 64 27.64 -28.84 9.58
CA CYS A 64 27.29 -30.05 10.30
C CYS A 64 26.23 -30.86 9.56
N GLN A 65 25.70 -30.28 8.49
CA GLN A 65 24.77 -30.98 7.61
C GLN A 65 23.41 -31.28 8.22
N THR A 66 23.13 -30.77 9.42
CA THR A 66 21.80 -30.95 9.98
C THR A 66 20.77 -30.03 9.31
N TRP A 67 19.52 -30.47 9.27
CA TRP A 67 18.45 -29.71 8.64
C TRP A 67 17.66 -28.88 9.64
N TYR A 68 17.27 -27.68 9.22
CA TYR A 68 16.42 -26.82 10.02
C TYR A 68 15.23 -26.36 9.21
N HIS A 69 14.06 -26.29 9.84
CA HIS A 69 12.95 -25.58 9.25
C HIS A 69 13.37 -24.12 9.16
N PHE A 70 13.01 -23.44 8.07
CA PHE A 70 13.37 -22.04 7.91
C PHE A 70 13.16 -21.23 9.18
N LEU A 71 12.00 -21.37 9.81
CA LEU A 71 11.69 -20.62 11.01
C LEU A 71 12.48 -21.11 12.23
N CYS A 72 13.23 -22.19 12.04
CA CYS A 72 14.04 -22.75 13.11
C CYS A 72 15.53 -22.50 12.91
N SER A 73 15.87 -21.91 11.77
CA SER A 73 17.27 -21.76 11.35
C SER A 73 17.93 -20.52 11.93
N GLY A 74 17.14 -19.62 12.51
CA GLY A 74 17.66 -18.35 12.96
C GLY A 74 17.74 -17.28 11.87
N LEU A 75 17.47 -17.67 10.62
CA LEU A 75 17.37 -16.69 9.54
C LEU A 75 16.02 -15.97 9.55
N GLU A 76 16.01 -14.74 9.06
CA GLU A 76 14.75 -14.04 8.79
C GLU A 76 14.49 -14.14 7.30
N GLN A 77 13.23 -13.99 6.90
CA GLN A 77 12.86 -14.23 5.51
C GLN A 77 13.72 -13.48 4.49
N PHE A 78 14.15 -12.27 4.83
CA PHE A 78 14.92 -11.47 3.88
C PHE A 78 16.28 -12.09 3.54
N GLU A 79 16.69 -13.08 4.34
CA GLU A 79 18.00 -13.70 4.19
C GLU A 79 17.96 -15.02 3.44
N TYR A 80 16.77 -15.54 3.19
CA TYR A 80 16.65 -16.88 2.63
C TYR A 80 17.46 -17.11 1.36
N TYR A 81 17.77 -16.04 0.63
CA TYR A 81 18.43 -16.20 -0.67
C TYR A 81 19.86 -15.64 -0.71
N LEU A 82 20.31 -15.07 0.40
CA LEU A 82 21.57 -14.30 0.42
C LEU A 82 22.82 -15.17 0.51
N TYR A 83 22.70 -16.31 1.19
CA TYR A 83 23.87 -17.08 1.58
C TYR A 83 24.16 -18.25 0.64
N GLU A 84 25.39 -18.28 0.14
CA GLU A 84 25.86 -19.37 -0.69
C GLU A 84 26.18 -20.56 0.21
N LYS A 85 26.83 -20.27 1.33
CA LYS A 85 27.03 -21.26 2.38
C LYS A 85 26.32 -20.78 3.65
N PHE A 86 25.42 -21.62 4.17
CA PHE A 86 24.75 -21.32 5.42
C PHE A 86 25.38 -22.09 6.57
N PHE A 87 25.75 -21.37 7.63
CA PHE A 87 26.24 -22.02 8.84
C PHE A 87 25.26 -21.81 9.97
N CYS A 88 24.71 -22.91 10.47
CA CYS A 88 23.70 -22.85 11.52
C CYS A 88 24.30 -22.22 12.78
N PRO A 89 23.44 -21.82 13.73
CA PRO A 89 23.91 -21.20 14.98
C PRO A 89 24.79 -22.12 15.83
N LYS A 90 24.57 -23.44 15.76
CA LYS A 90 25.41 -24.40 16.48
C LYS A 90 26.85 -24.33 16.01
N CYS A 91 27.03 -24.27 14.69
CA CYS A 91 28.30 -23.87 14.11
C CYS A 91 28.27 -22.35 14.13
N VAL A 92 29.27 -21.71 13.54
CA VAL A 92 29.34 -20.24 13.45
C VAL A 92 30.02 -19.44 14.56
N PRO A 93 30.26 -20.07 15.73
CA PRO A 93 31.37 -19.63 16.58
C PRO A 93 32.61 -20.41 16.17
N HIS A 94 32.40 -21.66 15.75
CA HIS A 94 33.51 -22.52 15.35
C HIS A 94 33.64 -22.64 13.84
N THR A 95 32.87 -21.84 13.10
CA THR A 95 32.93 -21.88 11.63
C THR A 95 32.91 -20.50 10.98
N GLY A 96 32.41 -19.51 11.71
CA GLY A 96 32.26 -18.18 11.16
C GLY A 96 30.85 -17.94 10.64
N HIS A 97 30.56 -16.69 10.26
CA HIS A 97 29.24 -16.33 9.75
C HIS A 97 28.94 -17.01 8.43
N SER A 98 27.67 -17.01 8.03
CA SER A 98 27.28 -17.55 6.73
C SER A 98 27.95 -16.71 5.63
N ILE A 99 28.29 -17.37 4.53
CA ILE A 99 28.95 -16.69 3.42
C ILE A 99 27.93 -16.29 2.36
N ARG A 100 27.81 -15.00 2.09
CA ARG A 100 26.83 -14.55 1.11
C ARG A 100 27.36 -14.53 -0.33
N TYR A 101 26.48 -14.84 -1.27
CA TYR A 101 26.82 -14.83 -2.69
C TYR A 101 27.58 -13.57 -3.07
N LYS A 102 28.40 -13.67 -4.11
CA LYS A 102 29.14 -12.52 -4.59
C LYS A 102 28.24 -11.74 -5.51
N VAL A 103 28.37 -10.42 -5.46
CA VAL A 103 27.64 -9.55 -6.36
C VAL A 103 28.25 -9.64 -7.75
N VAL A 104 27.66 -10.52 -8.54
CA VAL A 104 28.14 -10.85 -9.89
C VAL A 104 27.45 -10.02 -10.99
N ALA A 105 26.24 -9.55 -10.71
CA ALA A 105 25.46 -8.82 -11.70
C ALA A 105 24.56 -7.76 -11.05
N PRO A 106 25.16 -6.65 -10.60
CA PRO A 106 24.46 -5.54 -9.95
C PRO A 106 23.36 -4.90 -10.82
N HIS A 107 23.26 -5.31 -12.08
CA HIS A 107 22.26 -4.76 -12.99
C HIS A 107 21.06 -5.70 -13.13
N ARG A 108 21.07 -6.78 -12.34
CA ARG A 108 19.99 -7.75 -12.38
C ARG A 108 19.38 -7.90 -10.98
N TYR A 109 18.09 -8.26 -10.92
CA TYR A 109 17.45 -8.56 -9.64
C TYR A 109 18.14 -9.76 -9.00
N ARG A 110 18.54 -10.71 -9.84
CA ARG A 110 19.36 -11.82 -9.40
C ARG A 110 20.83 -11.41 -9.52
N TRP A 111 21.23 -10.45 -8.70
CA TRP A 111 22.58 -9.90 -8.69
C TRP A 111 23.67 -10.93 -8.37
N TYR A 112 23.25 -12.12 -7.95
CA TYR A 112 24.15 -13.17 -7.50
C TYR A 112 24.30 -14.28 -8.55
N SER A 113 23.63 -14.13 -9.68
CA SER A 113 23.59 -15.19 -10.69
C SER A 113 24.49 -14.92 -11.90
N PRO A 114 25.50 -15.77 -12.10
CA PRO A 114 26.44 -15.57 -13.21
C PRO A 114 25.74 -15.69 -14.56
N ASN A 115 24.67 -16.45 -14.62
CA ASN A 115 23.94 -16.66 -15.88
C ASN A 115 23.27 -15.40 -16.40
N GLU A 116 23.24 -14.36 -15.58
CA GLU A 116 22.54 -13.14 -15.95
C GLU A 116 23.47 -11.99 -16.27
N LYS A 117 24.77 -12.22 -16.10
CA LYS A 117 25.76 -11.18 -16.35
C LYS A 117 25.52 -10.45 -17.67
N HIS A 118 25.19 -11.22 -18.71
CA HIS A 118 25.09 -10.68 -20.06
C HIS A 118 23.70 -10.13 -20.41
N LEU A 119 22.76 -10.21 -19.48
CA LEU A 119 21.41 -9.74 -19.73
C LEU A 119 21.31 -8.23 -19.53
N GLY A 120 20.15 -7.65 -19.86
CA GLY A 120 19.95 -6.21 -19.76
C GLY A 120 19.88 -5.63 -18.36
N ILE A 121 20.11 -4.32 -18.25
CA ILE A 121 19.98 -3.61 -16.99
C ILE A 121 18.51 -3.51 -16.59
N GLU A 122 18.19 -3.99 -15.40
CA GLU A 122 16.80 -4.02 -14.95
C GLU A 122 16.50 -2.79 -14.09
N VAL A 123 15.30 -2.26 -14.27
CA VAL A 123 14.90 -0.98 -13.69
C VAL A 123 15.06 -0.85 -12.17
N GLY A 124 14.84 -1.89 -11.40
CA GLY A 124 15.04 -1.71 -9.97
C GLY A 124 16.49 -1.81 -9.48
N SER A 125 17.37 -2.32 -10.32
CA SER A 125 18.70 -2.76 -9.91
C SER A 125 19.59 -1.63 -9.41
N LYS A 126 20.65 -2.01 -8.72
CA LYS A 126 21.64 -1.07 -8.20
C LYS A 126 22.33 -0.28 -9.31
N THR A 127 22.74 -0.97 -10.36
CA THR A 127 23.34 -0.29 -11.50
C THR A 127 22.38 0.76 -12.07
N TRP A 128 21.11 0.37 -12.20
CA TRP A 128 20.09 1.22 -12.79
C TRP A 128 19.87 2.50 -11.96
N ILE A 129 19.81 2.34 -10.65
CA ILE A 129 19.52 3.43 -9.75
C ILE A 129 20.67 4.42 -9.68
N GLU A 130 21.90 3.90 -9.58
CA GLU A 130 23.09 4.75 -9.67
C GLU A 130 22.95 5.70 -10.85
N ASP A 131 22.76 5.12 -12.01
CA ASP A 131 22.64 5.87 -13.24
C ASP A 131 21.48 6.85 -13.17
N PHE A 132 20.28 6.31 -12.91
CA PHE A 132 19.06 7.14 -12.84
C PHE A 132 19.25 8.35 -11.94
N ILE A 133 20.05 8.20 -10.89
CA ILE A 133 20.32 9.31 -9.98
C ILE A 133 21.01 10.47 -10.69
N THR A 134 21.85 10.17 -11.68
CA THR A 134 22.61 11.20 -12.38
C THR A 134 21.82 11.94 -13.48
N ARG A 135 20.60 11.50 -13.76
CA ARG A 135 19.79 12.16 -14.78
C ARG A 135 18.33 12.42 -14.37
N GLU A 136 17.97 12.00 -13.15
CA GLU A 136 16.59 12.10 -12.70
C GLU A 136 16.10 13.55 -12.66
N ASN A 137 17.02 14.49 -12.41
CA ASN A 137 16.61 15.89 -12.32
C ASN A 137 16.24 16.52 -13.66
N THR A 138 16.42 15.77 -14.76
CA THR A 138 16.02 16.25 -16.08
C THR A 138 14.53 16.00 -16.36
N VAL A 139 13.92 15.10 -15.59
CA VAL A 139 12.49 14.84 -15.69
C VAL A 139 11.74 16.13 -15.39
N PRO A 140 10.83 16.53 -16.29
CA PRO A 140 10.21 17.86 -16.18
C PRO A 140 9.29 18.02 -14.97
N SER A 141 9.17 19.27 -14.54
CA SER A 141 8.25 19.65 -13.48
C SER A 141 6.82 19.62 -13.98
N PRO A 142 5.85 19.53 -13.05
CA PRO A 142 4.43 19.44 -13.38
C PRO A 142 3.88 20.78 -13.80
N THR A 143 2.74 20.76 -14.48
CA THR A 143 1.98 21.98 -14.74
C THR A 143 1.15 22.28 -13.50
N ASP A 144 0.61 23.49 -13.43
CA ASP A 144 -0.22 23.91 -12.31
C ASP A 144 -1.55 23.17 -12.31
N ASP A 145 -1.91 22.60 -13.45
CA ASP A 145 -3.11 21.77 -13.53
C ASP A 145 -2.92 20.43 -12.82
N GLU A 146 -1.67 19.96 -12.79
CA GLU A 146 -1.33 18.67 -12.20
C GLU A 146 -1.07 18.75 -10.70
N VAL A 147 -0.22 19.68 -10.29
CA VAL A 147 0.07 19.86 -8.87
C VAL A 147 0.02 21.33 -8.46
N CYS A 148 -0.68 21.56 -7.37
CA CYS A 148 -0.76 22.85 -6.75
C CYS A 148 0.12 22.83 -5.50
N ILE A 149 1.13 23.67 -5.48
CA ILE A 149 1.97 23.88 -4.30
C ILE A 149 1.42 25.02 -3.43
N VAL A 150 1.31 24.78 -2.14
CA VAL A 150 0.80 25.77 -1.20
C VAL A 150 1.72 25.81 0.02
N GLU A 151 1.66 26.90 0.77
CA GLU A 151 2.61 27.15 1.84
C GLU A 151 2.20 26.47 3.14
N ASP A 152 0.91 26.48 3.42
CA ASP A 152 0.41 25.86 4.63
C ASP A 152 -1.00 25.30 4.41
N GLY A 153 -1.51 24.67 5.46
CA GLY A 153 -2.82 24.01 5.41
C GLY A 153 -3.97 24.97 5.26
N TYR A 154 -3.78 26.21 5.69
CA TYR A 154 -4.80 27.24 5.51
C TYR A 154 -4.92 27.59 4.03
N GLU A 155 -3.78 27.77 3.36
CA GLU A 155 -3.80 28.01 1.93
C GLU A 155 -4.27 26.76 1.16
N PHE A 156 -3.89 25.58 1.65
CA PHE A 156 -4.39 24.34 1.06
C PHE A 156 -5.91 24.36 1.09
N ARG A 157 -6.47 24.59 2.27
CA ARG A 157 -7.91 24.62 2.45
C ARG A 157 -8.60 25.55 1.44
N ARG A 158 -8.11 26.79 1.31
CA ARG A 158 -8.72 27.74 0.37
C ARG A 158 -8.66 27.27 -1.07
N GLU A 159 -7.52 26.72 -1.46
CA GLU A 159 -7.37 26.28 -2.85
C GLU A 159 -8.20 25.03 -3.14
N PHE A 160 -8.18 24.09 -2.19
CA PHE A 160 -8.97 22.88 -2.25
C PHE A 160 -10.42 23.23 -2.53
N GLU A 161 -10.95 24.18 -1.77
CA GLU A 161 -12.33 24.64 -1.93
C GLU A 161 -12.59 25.33 -3.27
N LYS A 162 -11.61 26.07 -3.78
CA LYS A 162 -11.81 26.76 -5.06
C LYS A 162 -12.08 25.73 -6.15
N LEU A 163 -11.49 24.55 -5.97
CA LEU A 163 -11.53 23.52 -7.00
C LEU A 163 -12.70 22.56 -6.87
N GLY A 164 -13.63 22.84 -5.95
CA GLY A 164 -14.76 21.97 -5.75
C GLY A 164 -14.59 21.01 -4.58
N GLY A 165 -13.47 21.10 -3.89
CA GLY A 165 -13.24 20.28 -2.71
C GLY A 165 -12.98 18.81 -2.99
N ALA A 166 -13.33 17.97 -2.01
CA ALA A 166 -13.08 16.54 -2.09
C ALA A 166 -13.96 15.86 -3.15
N ASP A 167 -15.15 16.40 -3.35
CA ASP A 167 -16.09 15.82 -4.30
C ASP A 167 -15.63 16.03 -5.74
N ASN A 168 -14.67 16.93 -5.91
CA ASN A 168 -14.11 17.23 -7.21
C ASN A 168 -12.59 17.22 -7.17
N TRP A 169 -12.02 16.44 -6.26
CA TRP A 169 -10.57 16.40 -6.07
C TRP A 169 -9.87 15.63 -7.18
N GLY A 170 -9.04 16.34 -7.94
CA GLY A 170 -8.41 15.74 -9.10
C GLY A 170 -6.92 16.03 -9.23
N LYS A 171 -6.43 17.06 -8.57
CA LYS A 171 -5.01 17.35 -8.67
C LYS A 171 -4.24 17.07 -7.38
N VAL A 172 -2.94 16.82 -7.51
CA VAL A 172 -2.11 16.64 -6.33
C VAL A 172 -1.70 17.98 -5.71
N PHE A 173 -1.61 17.96 -4.38
CA PHE A 173 -1.23 19.12 -3.59
C PHE A 173 0.03 18.82 -2.79
N MET A 174 0.93 19.79 -2.77
CA MET A 174 2.08 19.72 -1.88
C MET A 174 1.98 20.91 -0.93
N VAL A 175 1.87 20.59 0.35
CA VAL A 175 1.74 21.58 1.41
C VAL A 175 3.07 21.67 2.16
N LYS A 176 3.72 22.82 2.05
CA LYS A 176 5.07 23.01 2.58
C LYS A 176 5.13 22.95 4.11
N ASP A 177 4.09 23.44 4.77
CA ASP A 177 4.07 23.53 6.23
C ASP A 177 2.71 23.04 6.74
N MET A 178 2.74 22.11 7.68
CA MET A 178 1.55 21.33 8.02
C MET A 178 0.55 22.11 8.86
N ASP A 179 0.95 23.28 9.33
CA ASP A 179 0.08 24.13 10.11
C ASP A 179 -1.21 24.48 9.34
N GLY A 180 -2.35 24.14 9.93
CA GLY A 180 -3.62 24.40 9.29
C GLY A 180 -4.30 23.12 8.82
N LEU A 181 -3.50 22.06 8.64
CA LEU A 181 -4.01 20.75 8.18
C LEU A 181 -4.68 19.92 9.27
N ASN A 182 -4.46 20.27 10.54
CA ASN A 182 -5.00 19.45 11.63
C ASN A 182 -4.58 17.98 11.50
N MET A 183 -3.28 17.79 11.28
CA MET A 183 -2.72 16.47 11.07
C MET A 183 -1.80 16.19 12.24
N THR A 184 -2.24 15.34 13.17
CA THR A 184 -1.43 15.03 14.33
C THR A 184 -0.16 14.29 13.91
N MET A 185 0.99 14.84 14.26
CA MET A 185 2.29 14.24 13.93
C MET A 185 3.28 14.39 15.08
N PRO A 186 4.26 13.49 15.15
CA PRO A 186 5.32 13.58 16.16
C PRO A 186 6.24 14.78 15.92
N LYS A 187 6.69 15.42 17.00
CA LYS A 187 7.63 16.53 16.89
C LYS A 187 8.98 16.02 16.39
N PRO A 188 9.64 16.80 15.52
CA PRO A 188 11.00 16.45 15.09
C PRO A 188 11.89 16.10 16.28
N GLY A 189 12.93 15.31 16.02
CA GLY A 189 13.66 14.64 17.07
C GLY A 189 13.15 13.20 17.18
N PHE A 190 11.90 13.03 16.80
CA PHE A 190 11.30 11.71 16.69
C PHE A 190 11.93 10.98 15.51
N ASP A 191 12.36 9.75 15.73
CA ASP A 191 13.03 9.02 14.67
C ASP A 191 12.78 7.52 14.73
N LEU A 192 13.53 6.80 13.90
CA LEU A 192 13.42 5.36 13.81
C LEU A 192 13.57 4.71 15.17
N GLU A 193 14.37 5.32 16.04
CA GLU A 193 14.65 4.79 17.37
C GLU A 193 13.38 4.74 18.21
N ASP A 194 12.59 5.81 18.14
CA ASP A 194 11.33 5.85 18.87
C ASP A 194 10.33 4.87 18.27
N VAL A 195 10.43 4.66 16.96
CA VAL A 195 9.51 3.78 16.27
C VAL A 195 9.67 2.35 16.80
N VAL A 196 10.91 1.86 16.79
CA VAL A 196 11.22 0.50 17.21
C VAL A 196 10.96 0.31 18.70
N LYS A 197 11.05 1.38 19.48
CA LYS A 197 10.78 1.31 20.91
C LYS A 197 9.29 1.14 21.19
N ILE A 198 8.47 1.86 20.43
CA ILE A 198 7.03 1.79 20.60
C ILE A 198 6.43 0.51 20.00
N MET A 199 6.89 0.13 18.82
CA MET A 199 6.36 -1.05 18.14
C MET A 199 6.97 -2.37 18.66
N GLY A 200 8.21 -2.30 19.14
CA GLY A 200 8.89 -3.48 19.67
C GLY A 200 9.91 -4.07 18.72
N SER A 201 11.08 -4.40 19.27
CA SER A 201 12.21 -4.95 18.51
C SER A 201 11.86 -6.10 17.57
N ASP A 202 10.98 -6.99 18.01
CA ASP A 202 10.69 -8.19 17.23
C ASP A 202 9.51 -8.03 16.28
N TYR A 203 8.88 -6.85 16.31
CA TYR A 203 7.80 -6.55 15.40
C TYR A 203 8.30 -6.77 13.98
N GLU A 204 7.58 -7.57 13.22
CA GLU A 204 8.00 -7.87 11.86
C GLU A 204 7.28 -6.96 10.86
N VAL A 205 8.06 -6.35 9.97
CA VAL A 205 7.51 -5.52 8.91
C VAL A 205 7.91 -6.07 7.55
N ASP A 206 6.96 -6.07 6.61
CA ASP A 206 7.26 -6.39 5.22
C ASP A 206 8.10 -5.29 4.61
N THR A 207 9.27 -5.66 4.11
CA THR A 207 10.28 -4.70 3.69
C THR A 207 10.70 -4.91 2.24
N ILE A 208 10.99 -3.82 1.55
CA ILE A 208 11.51 -3.95 0.19
C ILE A 208 13.02 -4.08 0.15
N ASP A 209 13.47 -5.15 -0.50
CA ASP A 209 14.87 -5.37 -0.84
C ASP A 209 15.04 -4.68 -2.20
N VAL A 210 15.40 -3.41 -2.15
CA VAL A 210 15.38 -2.56 -3.33
C VAL A 210 16.00 -3.18 -4.59
N TYR A 211 17.24 -3.65 -4.48
CA TYR A 211 17.98 -4.12 -5.66
C TYR A 211 17.41 -5.42 -6.22
N ASN A 212 16.77 -6.19 -5.34
CA ASN A 212 16.11 -7.41 -5.76
C ASN A 212 14.68 -7.13 -6.22
N GLN A 213 14.22 -5.89 -5.98
CA GLN A 213 12.81 -5.52 -6.17
C GLN A 213 11.83 -6.58 -5.67
N SER A 214 11.98 -6.96 -4.40
CA SER A 214 11.05 -7.90 -3.78
C SER A 214 10.79 -7.49 -2.34
N THR A 215 9.76 -8.04 -1.75
CA THR A 215 9.36 -7.82 -0.37
C THR A 215 9.63 -9.05 0.51
N TYR A 216 10.29 -8.87 1.64
CA TYR A 216 10.52 -9.95 2.60
C TYR A 216 10.20 -9.40 3.98
N SER A 217 9.96 -10.30 4.94
CA SER A 217 9.80 -9.90 6.33
C SER A 217 11.15 -9.59 6.94
N MET A 218 11.18 -8.61 7.83
CA MET A 218 12.38 -8.24 8.56
C MET A 218 11.96 -7.67 9.91
N LYS A 219 12.63 -8.11 10.98
CA LYS A 219 12.40 -7.55 12.30
C LYS A 219 12.73 -6.07 12.29
N LEU A 220 11.97 -5.30 13.04
CA LEU A 220 12.21 -3.87 13.16
C LEU A 220 13.62 -3.60 13.70
N ASP A 221 14.06 -4.45 14.62
CA ASP A 221 15.38 -4.31 15.20
C ASP A 221 16.47 -4.55 14.17
N THR A 222 16.24 -5.55 13.32
CA THR A 222 17.17 -5.86 12.25
C THR A 222 17.29 -4.70 11.28
N PHE A 223 16.15 -4.07 10.97
CA PHE A 223 16.13 -2.94 10.05
C PHE A 223 16.90 -1.77 10.64
N ARG A 224 16.64 -1.48 11.91
CA ARG A 224 17.30 -0.36 12.57
C ARG A 224 18.81 -0.54 12.54
N LYS A 225 19.26 -1.75 12.79
CA LYS A 225 20.68 -2.07 12.78
C LYS A 225 21.31 -1.73 11.43
N LEU A 226 20.66 -2.16 10.35
CA LEU A 226 21.15 -1.92 9.00
C LEU A 226 21.09 -0.44 8.65
N PHE A 227 20.11 0.23 9.22
CA PHE A 227 19.88 1.64 8.96
C PHE A 227 20.96 2.49 9.62
N ARG A 228 21.37 2.05 10.81
CA ARG A 228 22.41 2.73 11.58
C ARG A 228 23.78 2.61 10.93
N ASP A 229 24.10 1.40 10.45
CA ASP A 229 25.34 1.23 9.69
C ASP A 229 25.23 2.01 8.40
N THR A 230 25.60 3.28 8.49
CA THR A 230 25.40 4.23 7.42
C THR A 230 26.41 3.99 6.29
N LYS A 231 27.54 3.42 6.63
CA LYS A 231 28.65 3.29 5.68
C LYS A 231 28.69 1.93 4.97
N ASN A 232 28.21 0.89 5.64
CA ASN A 232 28.18 -0.42 5.02
C ASN A 232 26.75 -0.84 4.67
N ARG A 233 26.41 -0.77 3.37
CA ARG A 233 25.09 -1.21 2.92
C ARG A 233 25.18 -1.96 1.61
N PRO A 234 25.54 -3.25 1.68
CA PRO A 234 25.64 -4.10 0.50
C PRO A 234 24.33 -4.08 -0.27
N LEU A 235 23.24 -4.11 0.50
CA LEU A 235 21.89 -4.07 -0.05
C LEU A 235 21.13 -2.95 0.61
N LEU A 236 20.21 -2.33 -0.14
CA LEU A 236 19.37 -1.27 0.42
C LEU A 236 18.01 -1.82 0.82
N TYR A 237 17.46 -1.30 1.92
CA TYR A 237 16.12 -1.68 2.35
C TYR A 237 15.23 -0.46 2.59
N ASN A 238 13.95 -0.65 2.30
CA ASN A 238 12.94 0.40 2.40
C ASN A 238 11.61 -0.26 2.72
N PHE A 239 11.09 -0.06 3.92
CA PHE A 239 9.75 -0.57 4.20
C PHE A 239 8.66 0.50 4.03
N LEU A 240 7.51 0.10 3.48
CA LEU A 240 6.41 1.02 3.22
C LEU A 240 5.17 0.62 4.01
N SER A 241 5.25 -0.49 4.73
CA SER A 241 4.06 -1.24 5.06
C SER A 241 3.87 -1.51 6.55
N LEU A 242 4.35 -0.58 7.37
CA LEU A 242 4.21 -0.74 8.81
C LEU A 242 2.93 -0.05 9.25
N GLU A 243 1.85 -0.83 9.36
CA GLU A 243 0.55 -0.26 9.71
C GLU A 243 0.39 -0.39 11.22
N PHE A 244 0.10 0.74 11.88
CA PHE A 244 0.14 0.80 13.33
C PHE A 244 -1.17 1.30 13.94
N SER A 245 -2.25 1.30 13.17
CA SER A 245 -3.54 1.74 13.70
C SER A 245 -4.02 0.86 14.87
N ASP A 246 -3.35 -0.27 15.09
CA ASP A 246 -3.72 -1.17 16.17
C ASP A 246 -2.75 -1.09 17.36
N ASN A 247 -1.72 -0.25 17.25
CA ASN A 247 -0.84 0.05 18.37
C ASN A 247 -1.40 1.23 19.17
N ASN A 248 -1.75 0.98 20.42
CA ASN A 248 -2.43 1.97 21.24
C ASN A 248 -1.64 3.24 21.47
N GLU A 249 -0.31 3.12 21.47
CA GLU A 249 0.54 4.31 21.58
C GLU A 249 0.67 5.04 20.24
N MET A 250 1.20 4.33 19.24
CA MET A 250 1.46 4.92 17.92
C MET A 250 0.24 5.59 17.28
N LYS A 251 -0.91 4.98 17.43
CA LYS A 251 -2.10 5.47 16.75
C LYS A 251 -2.53 6.88 17.18
N GLU A 252 -1.97 7.38 18.28
CA GLU A 252 -2.29 8.73 18.75
C GLU A 252 -1.22 9.73 18.32
N ILE A 253 -0.07 9.20 17.97
CA ILE A 253 1.09 10.04 17.66
C ILE A 253 1.11 10.58 16.23
N ALA A 254 0.51 9.83 15.29
CA ALA A 254 0.48 10.24 13.89
C ALA A 254 -0.83 9.84 13.21
N LYS A 255 -1.62 10.85 12.84
CA LYS A 255 -2.96 10.63 12.31
C LYS A 255 -3.15 11.31 10.95
N PRO A 256 -4.23 10.94 10.24
CA PRO A 256 -4.53 11.63 8.98
C PRO A 256 -5.00 13.06 9.23
N PRO A 257 -4.76 13.96 8.28
CA PRO A 257 -5.36 15.29 8.34
C PRO A 257 -6.85 15.13 8.62
N ARG A 258 -7.45 16.12 9.28
CA ARG A 258 -8.86 16.05 9.59
C ARG A 258 -9.73 15.87 8.35
N PHE A 259 -9.43 16.60 7.28
CA PHE A 259 -10.27 16.53 6.08
C PHE A 259 -10.31 15.10 5.55
N VAL A 260 -9.25 14.35 5.77
CA VAL A 260 -9.19 12.96 5.36
C VAL A 260 -10.05 12.06 6.26
N GLN A 261 -9.94 12.25 7.56
CA GLN A 261 -10.75 11.47 8.49
C GLN A 261 -12.21 11.70 8.19
N GLU A 262 -12.53 12.91 7.74
CA GLU A 262 -13.91 13.29 7.45
C GLU A 262 -14.50 12.70 6.15
N ILE A 263 -13.64 12.33 5.21
CA ILE A 263 -14.15 11.78 3.94
C ILE A 263 -13.85 10.28 3.77
N SER A 264 -12.97 9.74 4.63
CA SER A 264 -12.60 8.34 4.58
C SER A 264 -13.80 7.39 4.69
N MET A 265 -14.00 6.53 3.67
CA MET A 265 -15.12 5.59 3.71
C MET A 265 -14.95 4.55 4.80
N VAL A 266 -13.72 4.09 5.00
CA VAL A 266 -13.43 3.12 6.04
C VAL A 266 -13.69 3.71 7.43
N ASN A 267 -13.26 4.96 7.61
CA ASN A 267 -13.49 5.64 8.87
C ASN A 267 -14.98 5.86 9.15
N ARG A 268 -15.76 6.04 8.08
CA ARG A 268 -17.20 6.22 8.22
C ARG A 268 -17.88 4.94 8.69
N LEU A 269 -17.32 3.79 8.32
CA LEU A 269 -17.96 2.49 8.57
C LEU A 269 -17.49 1.82 9.85
N TRP A 270 -16.23 2.03 10.21
CA TRP A 270 -15.68 1.56 11.47
C TRP A 270 -15.23 2.76 12.28
N PRO A 271 -16.18 3.62 12.69
CA PRO A 271 -15.79 4.83 13.43
C PRO A 271 -15.07 4.42 14.72
N ASP A 272 -14.13 5.22 15.19
CA ASP A 272 -13.47 4.87 16.45
C ASP A 272 -14.22 5.51 17.62
N VAL A 273 -15.52 5.25 17.68
CA VAL A 273 -16.41 5.82 18.70
C VAL A 273 -16.53 4.93 19.93
N SER A 274 -17.17 5.46 20.96
CA SER A 274 -17.27 4.78 22.24
C SER A 274 -18.67 4.97 22.83
N GLY A 275 -18.90 4.36 23.98
CA GLY A 275 -20.12 4.62 24.74
C GLY A 275 -21.39 4.39 23.96
N ALA A 276 -22.35 5.30 24.12
CA ALA A 276 -23.65 5.19 23.48
C ALA A 276 -23.59 5.20 21.95
N GLU A 277 -22.67 6.00 21.38
CA GLU A 277 -22.45 5.98 19.94
C GLU A 277 -22.17 4.56 19.49
N TYR A 278 -21.28 3.90 20.21
CA TYR A 278 -20.89 2.54 19.90
C TYR A 278 -22.06 1.58 20.09
N ILE A 279 -22.79 1.76 21.19
CA ILE A 279 -23.97 0.93 21.45
C ILE A 279 -24.98 1.01 20.30
N LYS A 280 -25.33 2.24 19.89
CA LYS A 280 -26.25 2.43 18.75
C LYS A 280 -25.72 1.75 17.50
N LEU A 281 -24.41 1.87 17.29
CA LEU A 281 -23.71 1.20 16.22
C LEU A 281 -24.00 -0.29 16.28
N LEU A 282 -24.22 -0.80 17.49
CA LEU A 282 -24.52 -2.21 17.69
C LEU A 282 -26.02 -2.48 17.56
N GLN A 283 -26.84 -1.56 18.08
CA GLN A 283 -28.29 -1.71 18.04
C GLN A 283 -28.80 -1.78 16.61
N ARG A 284 -28.40 -0.79 15.80
CA ARG A 284 -28.49 -0.95 14.36
C ARG A 284 -27.52 -2.08 14.04
N GLU A 285 -27.70 -2.75 12.92
CA GLU A 285 -26.76 -3.81 12.58
C GLU A 285 -25.58 -3.22 11.82
N GLU A 286 -25.15 -2.03 12.24
CA GLU A 286 -24.05 -1.29 11.60
C GLU A 286 -22.68 -1.64 12.18
N TYR A 287 -22.65 -2.54 13.15
CA TYR A 287 -21.37 -3.00 13.70
C TYR A 287 -20.61 -3.85 12.68
N LEU A 288 -19.30 -3.65 12.65
CA LEU A 288 -18.43 -4.46 11.80
C LEU A 288 -17.19 -4.92 12.56
N PRO A 289 -16.84 -6.21 12.43
CA PRO A 289 -15.68 -6.85 13.06
C PRO A 289 -14.38 -6.11 12.78
N GLU A 290 -13.63 -5.87 13.85
CA GLU A 290 -12.33 -5.19 13.75
C GLU A 290 -11.41 -5.91 12.79
N ASP A 291 -11.52 -7.23 12.73
CA ASP A 291 -10.64 -8.01 11.86
C ASP A 291 -11.11 -8.01 10.40
N GLN A 292 -12.25 -7.39 10.14
CA GLN A 292 -12.69 -7.16 8.76
C GLN A 292 -12.25 -5.77 8.24
N ARG A 293 -11.87 -4.89 9.15
CA ARG A 293 -11.50 -3.54 8.79
C ARG A 293 -10.28 -3.53 7.86
N PRO A 294 -10.39 -2.85 6.71
CA PRO A 294 -9.15 -2.58 5.98
C PRO A 294 -8.33 -1.65 6.87
N LYS A 295 -7.10 -2.01 7.15
CA LYS A 295 -6.24 -1.20 7.98
C LYS A 295 -5.15 -0.67 7.10
N VAL A 296 -5.38 0.47 6.46
CA VAL A 296 -4.41 1.01 5.52
C VAL A 296 -4.29 2.53 5.66
N GLU A 297 -4.84 3.09 6.72
CA GLU A 297 -4.90 4.56 6.89
C GLU A 297 -3.75 5.12 7.73
N GLN A 298 -3.00 4.25 8.41
CA GLN A 298 -1.90 4.73 9.25
C GLN A 298 -0.64 3.90 9.05
N PHE A 299 0.21 4.35 8.14
CA PHE A 299 1.44 3.67 7.83
C PHE A 299 2.65 4.50 8.21
N CYS A 300 3.69 3.82 8.64
CA CYS A 300 4.98 4.46 8.81
C CYS A 300 5.92 3.88 7.77
N LEU A 301 6.71 4.74 7.15
CA LEU A 301 7.65 4.28 6.12
C LEU A 301 9.06 4.74 6.45
N ALA A 302 10.05 3.91 6.15
CA ALA A 302 11.45 4.27 6.41
C ALA A 302 12.30 3.64 5.32
N GLY A 303 13.18 4.44 4.72
CA GLY A 303 14.02 3.95 3.65
C GLY A 303 15.41 4.56 3.59
N MET A 304 16.36 3.74 3.16
CA MET A 304 17.74 4.15 3.00
C MET A 304 17.91 5.01 1.74
N ALA A 305 18.87 5.92 1.80
CA ALA A 305 19.22 6.75 0.66
C ALA A 305 19.57 5.83 -0.50
N GLY A 306 19.14 6.21 -1.71
CA GLY A 306 19.30 5.36 -2.88
C GLY A 306 18.17 4.37 -3.11
N SER A 307 17.15 4.38 -2.24
CA SER A 307 15.97 3.51 -2.42
C SER A 307 15.11 3.94 -3.60
N TYR A 308 14.53 2.98 -4.29
CA TYR A 308 13.65 3.31 -5.39
C TYR A 308 12.42 2.39 -5.43
N THR A 309 11.24 2.99 -5.45
CA THR A 309 10.00 2.24 -5.61
C THR A 309 9.49 2.54 -7.02
N ASP A 310 9.22 1.49 -7.79
CA ASP A 310 8.86 1.68 -9.20
C ASP A 310 7.38 2.08 -9.34
N PHE A 311 7.00 2.52 -10.54
CA PHE A 311 5.64 3.01 -10.82
C PHE A 311 4.51 2.07 -10.41
N HIS A 312 3.44 2.66 -9.87
CA HIS A 312 2.27 1.90 -9.50
C HIS A 312 1.17 2.88 -9.21
N VAL A 313 -0.05 2.37 -9.12
CA VAL A 313 -1.18 3.12 -8.64
C VAL A 313 -1.51 2.48 -7.31
N ASP A 314 -1.77 3.29 -6.29
CA ASP A 314 -2.06 2.72 -4.97
C ASP A 314 -3.32 1.85 -5.00
N PHE A 315 -3.26 0.74 -4.26
CA PHE A 315 -4.32 -0.27 -4.28
C PHE A 315 -5.73 0.29 -4.06
N GLY A 316 -6.66 -0.24 -4.86
CA GLY A 316 -8.06 0.17 -4.86
C GLY A 316 -8.26 1.57 -5.41
N GLY A 317 -7.24 2.12 -6.06
CA GLY A 317 -7.25 3.52 -6.43
C GLY A 317 -7.52 4.42 -5.23
N SER A 318 -6.96 4.08 -4.07
CA SER A 318 -7.09 4.92 -2.90
C SER A 318 -6.27 6.21 -3.00
N SER A 319 -6.68 7.23 -2.26
CA SER A 319 -5.93 8.46 -2.16
C SER A 319 -4.89 8.34 -1.03
N VAL A 320 -3.94 9.27 -1.00
CA VAL A 320 -2.79 9.14 -0.12
C VAL A 320 -2.47 10.49 0.52
N TYR A 321 -2.26 10.46 1.84
CA TYR A 321 -1.58 11.56 2.51
C TYR A 321 -0.18 11.06 2.87
N TYR A 322 0.80 11.95 2.81
CA TYR A 322 2.18 11.51 2.86
C TYR A 322 3.05 12.62 3.44
N HIS A 323 3.46 12.43 4.70
CA HIS A 323 4.18 13.47 5.45
C HIS A 323 5.62 13.07 5.75
N ILE A 324 6.58 13.89 5.30
CA ILE A 324 7.99 13.59 5.51
C ILE A 324 8.50 14.10 6.86
N LEU A 325 8.69 13.20 7.81
CA LEU A 325 9.19 13.59 9.12
C LEU A 325 10.68 13.90 9.04
N LYS A 326 11.42 13.05 8.33
CA LYS A 326 12.85 13.21 8.15
C LYS A 326 13.24 12.75 6.75
N GLY A 327 14.19 13.46 6.15
CA GLY A 327 14.71 13.06 4.86
C GLY A 327 14.05 13.77 3.69
N GLU A 328 14.02 13.09 2.55
CA GLU A 328 13.62 13.73 1.30
C GLU A 328 13.14 12.66 0.34
N LYS A 329 12.15 13.02 -0.49
CA LYS A 329 11.58 12.10 -1.46
C LYS A 329 11.42 12.80 -2.80
N ILE A 330 11.60 12.05 -3.87
CA ILE A 330 11.31 12.56 -5.21
C ILE A 330 10.28 11.64 -5.85
N PHE A 331 9.10 12.18 -6.12
CA PHE A 331 8.05 11.44 -6.77
C PHE A 331 8.07 11.70 -8.26
N TYR A 332 7.87 10.65 -9.04
CA TYR A 332 7.69 10.74 -10.47
C TYR A 332 6.25 10.32 -10.80
N ILE A 333 5.47 11.26 -11.28
CA ILE A 333 4.03 11.08 -11.32
C ILE A 333 3.45 11.30 -12.70
N ALA A 334 2.36 10.59 -12.98
CA ALA A 334 1.63 10.79 -14.22
C ALA A 334 0.12 10.78 -13.94
N ALA A 335 -0.59 11.71 -14.57
CA ALA A 335 -2.01 11.90 -14.35
C ALA A 335 -2.80 10.64 -14.73
N PRO A 336 -3.96 10.43 -14.09
CA PRO A 336 -4.76 9.23 -14.37
C PRO A 336 -5.66 9.41 -15.60
N THR A 337 -5.07 9.51 -16.79
CA THR A 337 -5.86 9.59 -18.01
C THR A 337 -5.94 8.20 -18.65
N GLU A 338 -6.91 8.00 -19.54
CA GLU A 338 -7.01 6.75 -20.29
C GLU A 338 -5.73 6.42 -21.04
N GLN A 339 -5.13 7.42 -21.68
CA GLN A 339 -3.85 7.22 -22.36
C GLN A 339 -2.75 6.72 -21.39
N ASN A 340 -2.59 7.40 -20.26
CA ASN A 340 -1.59 6.96 -19.28
C ASN A 340 -1.88 5.57 -18.72
N PHE A 341 -3.15 5.27 -18.46
CA PHE A 341 -3.53 3.93 -17.96
C PHE A 341 -3.23 2.81 -18.96
N ALA A 342 -3.41 3.09 -20.25
CA ALA A 342 -3.14 2.11 -21.28
C ALA A 342 -1.65 1.81 -21.35
N ALA A 343 -0.84 2.87 -21.31
CA ALA A 343 0.61 2.70 -21.24
C ALA A 343 0.97 1.92 -19.98
N TYR A 344 0.39 2.33 -18.86
CA TYR A 344 0.71 1.69 -17.59
C TYR A 344 0.32 0.22 -17.57
N GLN A 345 -0.93 -0.08 -17.95
CA GLN A 345 -1.38 -1.46 -18.03
C GLN A 345 -0.45 -2.30 -18.93
N ALA A 346 -0.04 -1.74 -20.06
CA ALA A 346 0.86 -2.46 -20.98
C ALA A 346 2.20 -2.69 -20.30
N HIS A 347 2.69 -1.64 -19.66
CA HIS A 347 3.95 -1.70 -18.94
C HIS A 347 3.97 -2.81 -17.89
N GLU A 348 2.84 -3.00 -17.22
CA GLU A 348 2.76 -3.95 -16.11
C GLU A 348 2.59 -5.40 -16.57
N THR A 349 2.08 -5.59 -17.78
CA THR A 349 1.77 -6.93 -18.23
C THR A 349 2.84 -7.42 -19.20
N SER A 350 3.71 -6.51 -19.60
CA SER A 350 4.84 -6.84 -20.46
C SER A 350 5.93 -7.52 -19.65
N PRO A 351 6.57 -8.55 -20.22
CA PRO A 351 7.68 -9.29 -19.62
C PRO A 351 8.89 -8.38 -19.43
N ASP A 352 8.98 -7.35 -20.24
CA ASP A 352 10.14 -6.47 -20.24
C ASP A 352 10.41 -5.85 -18.87
N THR A 353 11.69 -5.68 -18.57
CA THR A 353 12.13 -5.26 -17.25
C THR A 353 13.20 -4.17 -17.37
N THR A 354 13.52 -3.77 -18.60
CA THR A 354 14.64 -2.88 -18.86
C THR A 354 14.19 -1.47 -19.16
N THR A 355 12.89 -1.28 -19.35
CA THR A 355 12.39 0.01 -19.79
C THR A 355 11.70 0.78 -18.67
N TRP A 356 12.23 1.96 -18.37
CA TRP A 356 11.60 2.84 -17.41
C TRP A 356 10.30 3.41 -17.97
N PHE A 357 9.20 3.26 -17.23
CA PHE A 357 7.89 3.70 -17.68
C PHE A 357 7.90 5.15 -18.18
N GLY A 358 8.68 5.98 -17.52
CA GLY A 358 8.81 7.37 -17.92
C GLY A 358 9.22 7.53 -19.38
N ASP A 359 9.99 6.58 -19.90
CA ASP A 359 10.52 6.66 -21.26
C ASP A 359 9.53 6.24 -22.33
N ILE A 360 8.48 5.54 -21.95
CA ILE A 360 7.47 5.14 -22.93
C ILE A 360 6.14 5.87 -22.74
N ALA A 361 6.11 6.86 -21.87
CA ALA A 361 4.87 7.49 -21.47
C ALA A 361 4.62 8.85 -22.14
N ASN A 362 5.39 9.17 -23.17
CA ASN A 362 5.11 10.34 -23.98
C ASN A 362 5.17 11.66 -23.20
N GLY A 363 6.16 11.80 -22.32
CA GLY A 363 6.32 13.01 -21.53
C GLY A 363 5.29 13.22 -20.42
N ALA A 364 4.48 12.20 -20.17
CA ALA A 364 3.48 12.28 -19.11
C ALA A 364 4.09 12.34 -17.70
N VAL A 365 5.30 11.83 -17.53
CA VAL A 365 5.88 11.73 -16.18
C VAL A 365 6.55 13.01 -15.70
N LYS A 366 6.11 13.50 -14.54
CA LYS A 366 6.63 14.74 -13.98
C LYS A 366 7.36 14.51 -12.66
N ARG A 367 8.24 15.44 -12.32
CA ARG A 367 9.10 15.32 -11.15
C ARG A 367 8.66 16.29 -10.07
N VAL A 368 8.52 15.78 -8.85
CA VAL A 368 8.15 16.63 -7.73
C VAL A 368 8.93 16.21 -6.48
N VAL A 369 9.77 17.12 -5.99
CA VAL A 369 10.59 16.90 -4.82
C VAL A 369 9.83 17.25 -3.55
N ILE A 370 9.86 16.36 -2.56
CA ILE A 370 9.23 16.65 -1.27
C ILE A 370 10.28 16.60 -0.17
N LYS A 371 10.32 17.63 0.65
CA LYS A 371 11.37 17.75 1.65
C LYS A 371 10.81 17.63 3.06
N GLU A 372 11.71 17.59 4.02
CA GLU A 372 11.36 17.43 5.42
C GLU A 372 10.30 18.44 5.84
N GLY A 373 9.26 17.94 6.52
CA GLY A 373 8.21 18.79 7.06
C GLY A 373 7.07 18.97 6.08
N GLN A 374 7.33 18.61 4.82
CA GLN A 374 6.36 18.81 3.74
C GLN A 374 5.43 17.60 3.55
N THR A 375 4.28 17.87 2.93
CA THR A 375 3.19 16.90 2.85
C THR A 375 2.62 16.80 1.44
N LEU A 376 2.49 15.57 0.96
CA LEU A 376 1.90 15.32 -0.34
C LEU A 376 0.48 14.77 -0.16
N LEU A 377 -0.46 15.31 -0.93
CA LEU A 377 -1.82 14.79 -0.98
C LEU A 377 -2.17 14.38 -2.41
N ILE A 378 -2.39 13.08 -2.59
CA ILE A 378 -2.61 12.49 -3.91
C ILE A 378 -3.99 11.86 -4.02
N PRO A 379 -4.81 12.32 -4.98
CA PRO A 379 -6.14 11.74 -5.17
C PRO A 379 -6.07 10.41 -5.93
N ALA A 380 -7.22 9.77 -6.14
CA ALA A 380 -7.27 8.47 -6.81
C ALA A 380 -6.58 8.45 -8.17
N GLY A 381 -5.86 7.36 -8.43
CA GLY A 381 -5.44 7.06 -9.79
C GLY A 381 -4.07 7.54 -10.24
N TRP A 382 -3.42 8.41 -9.48
CA TRP A 382 -2.13 8.90 -9.94
C TRP A 382 -1.06 7.81 -9.96
N ILE A 383 -0.42 7.66 -11.12
CA ILE A 383 0.64 6.71 -11.31
C ILE A 383 1.92 7.36 -10.82
N HIS A 384 2.70 6.65 -10.01
CA HIS A 384 3.86 7.25 -9.41
C HIS A 384 4.96 6.27 -9.00
N ALA A 385 6.19 6.75 -9.11
CA ALA A 385 7.37 6.06 -8.61
C ALA A 385 8.03 7.04 -7.65
N VAL A 386 8.93 6.54 -6.81
CA VAL A 386 9.59 7.43 -5.89
C VAL A 386 11.03 7.06 -5.59
N LEU A 387 11.88 8.09 -5.56
CA LEU A 387 13.30 7.93 -5.27
C LEU A 387 13.54 8.47 -3.87
N THR A 388 14.40 7.82 -3.10
CA THR A 388 14.72 8.30 -1.76
C THR A 388 16.18 8.77 -1.71
N PRO A 389 16.40 10.07 -1.96
CA PRO A 389 17.76 10.58 -2.09
C PRO A 389 18.53 10.50 -0.77
N VAL A 390 17.79 10.52 0.34
CA VAL A 390 18.34 10.62 1.68
C VAL A 390 17.55 9.73 2.65
N ASP A 391 18.22 9.14 3.63
CA ASP A 391 17.54 8.34 4.68
C ASP A 391 16.30 9.08 5.19
N SER A 392 15.18 8.38 5.28
CA SER A 392 13.90 9.05 5.48
C SER A 392 12.96 8.33 6.42
N LEU A 393 12.07 9.11 7.03
CA LEU A 393 11.05 8.59 7.90
C LEU A 393 9.78 9.31 7.51
N VAL A 394 8.76 8.54 7.15
CA VAL A 394 7.54 9.12 6.64
C VAL A 394 6.29 8.54 7.32
N PHE A 395 5.27 9.35 7.54
CA PHE A 395 3.97 8.83 7.93
C PHE A 395 2.94 9.15 6.86
N GLY A 396 2.19 8.13 6.43
CA GLY A 396 1.16 8.31 5.44
C GLY A 396 0.04 7.31 5.58
N GLY A 397 -0.92 7.38 4.67
CA GLY A 397 -2.05 6.48 4.70
C GLY A 397 -2.85 6.49 3.41
N ASN A 398 -3.58 5.40 3.22
CA ASN A 398 -4.45 5.28 2.06
C ASN A 398 -5.88 5.34 2.51
N PHE A 399 -6.73 5.91 1.66
CA PHE A 399 -8.16 5.99 1.95
C PHE A 399 -8.99 6.09 0.68
N LEU A 400 -10.24 5.66 0.78
CA LEU A 400 -11.21 5.77 -0.28
C LEU A 400 -12.21 6.82 0.14
N HIS A 401 -12.74 7.55 -0.82
CA HIS A 401 -13.77 8.54 -0.53
C HIS A 401 -14.74 8.69 -1.71
N LEU A 402 -15.96 9.11 -1.41
CA LEU A 402 -17.02 9.22 -2.41
C LEU A 402 -16.68 10.11 -3.61
N GLY A 403 -15.97 11.20 -3.35
CA GLY A 403 -15.60 12.14 -4.40
C GLY A 403 -14.75 11.54 -5.51
N ASN A 404 -14.06 10.44 -5.19
CA ASN A 404 -13.23 9.77 -6.20
C ASN A 404 -13.73 8.39 -6.54
N LEU A 405 -15.03 8.16 -6.34
CA LEU A 405 -15.59 6.83 -6.49
C LEU A 405 -15.38 6.28 -7.90
N GLU A 406 -15.60 7.11 -8.92
CA GLU A 406 -15.47 6.66 -10.29
C GLU A 406 -14.05 6.23 -10.59
N MET A 407 -13.09 7.08 -10.23
CA MET A 407 -11.69 6.79 -10.46
C MET A 407 -11.25 5.57 -9.66
N GLN A 408 -11.73 5.44 -8.43
CA GLN A 408 -11.43 4.24 -7.63
C GLN A 408 -11.89 2.97 -8.39
N MET A 409 -13.11 3.00 -8.95
CA MET A 409 -13.63 1.84 -9.67
C MET A 409 -12.82 1.57 -10.95
N ARG A 410 -12.41 2.65 -11.61
CA ARG A 410 -11.56 2.58 -12.80
C ARG A 410 -10.25 1.87 -12.46
N VAL A 411 -9.66 2.19 -11.30
CA VAL A 411 -8.43 1.53 -10.88
C VAL A 411 -8.67 0.07 -10.48
N TYR A 412 -9.81 -0.19 -9.86
CA TYR A 412 -10.21 -1.57 -9.61
C TYR A 412 -10.21 -2.39 -10.93
N HIS A 413 -10.81 -1.83 -11.98
CA HIS A 413 -10.82 -2.51 -13.27
C HIS A 413 -9.40 -2.71 -13.81
N LEU A 414 -8.57 -1.70 -13.65
CA LEU A 414 -7.18 -1.76 -14.08
C LEU A 414 -6.43 -2.89 -13.39
N GLU A 415 -6.54 -2.95 -12.07
CA GLU A 415 -5.96 -4.03 -11.27
C GLU A 415 -6.46 -5.41 -11.74
N ASN A 416 -7.78 -5.53 -11.92
CA ASN A 416 -8.38 -6.80 -12.32
C ASN A 416 -7.85 -7.28 -13.67
N ALA A 417 -7.74 -6.36 -14.63
CA ALA A 417 -7.13 -6.66 -15.93
C ALA A 417 -5.69 -7.13 -15.81
N ILE A 418 -4.87 -6.39 -15.08
CA ILE A 418 -3.48 -6.77 -14.88
C ILE A 418 -3.36 -8.15 -14.24
N ARG A 419 -4.19 -8.42 -13.23
CA ARG A 419 -4.15 -9.70 -12.52
C ARG A 419 -4.54 -10.88 -13.39
N LYS A 420 -5.40 -10.65 -14.39
CA LYS A 420 -5.75 -11.69 -15.35
C LYS A 420 -4.52 -12.21 -16.07
N GLU A 421 -3.48 -11.37 -16.14
CA GLU A 421 -2.23 -11.72 -16.80
C GLU A 421 -1.27 -12.34 -15.80
N ILE A 422 -0.50 -11.47 -15.16
CA ILE A 422 0.46 -11.86 -14.13
C ILE A 422 -0.26 -12.36 -12.88
N ARG A 423 0.43 -13.17 -12.09
CA ARG A 423 -0.12 -13.63 -10.81
C ARG A 423 0.48 -12.83 -9.65
N SER A 424 -0.37 -12.23 -8.82
CA SER A 424 0.15 -11.48 -7.67
C SER A 424 -0.41 -12.00 -6.35
N GLU A 425 0.02 -11.37 -5.26
CA GLU A 425 -0.46 -11.73 -3.93
C GLU A 425 -1.54 -10.77 -3.47
N GLU A 426 -2.54 -11.33 -2.79
CA GLU A 426 -3.68 -10.57 -2.27
C GLU A 426 -3.27 -9.35 -1.45
N LYS A 427 -2.20 -9.50 -0.67
CA LYS A 427 -1.77 -8.49 0.29
C LYS A 427 -1.26 -7.21 -0.36
N PHE A 428 -1.10 -7.23 -1.68
CA PHE A 428 -0.72 -6.00 -2.39
C PHE A 428 -1.94 -5.29 -2.96
N TYR A 429 -3.14 -5.73 -2.56
CA TYR A 429 -4.37 -5.10 -3.03
C TYR A 429 -5.20 -4.58 -1.88
N PHE A 430 -6.21 -3.78 -2.19
CA PHE A 430 -7.07 -3.22 -1.15
C PHE A 430 -7.91 -4.33 -0.53
N PRO A 431 -7.77 -4.52 0.79
CA PRO A 431 -8.42 -5.63 1.51
C PRO A 431 -9.93 -5.45 1.56
N ASN A 432 -10.68 -6.50 1.22
CA ASN A 432 -12.13 -6.48 1.36
C ASN A 432 -12.75 -5.33 0.58
N PHE A 433 -12.17 -5.05 -0.57
CA PHE A 433 -12.60 -3.94 -1.40
C PHE A 433 -14.10 -4.04 -1.67
N GLU A 434 -14.53 -5.19 -2.18
CA GLU A 434 -15.93 -5.34 -2.56
C GLU A 434 -16.85 -5.30 -1.32
N LEU A 435 -16.48 -6.02 -0.28
CA LEU A 435 -17.29 -6.06 0.94
C LEU A 435 -17.52 -4.66 1.53
N LEU A 436 -16.47 -3.84 1.54
CA LEU A 436 -16.57 -2.47 2.03
C LEU A 436 -17.69 -1.70 1.34
N HIS A 437 -17.82 -1.92 0.04
CA HIS A 437 -18.86 -1.23 -0.73
C HIS A 437 -20.28 -1.77 -0.43
N TRP A 438 -20.39 -3.08 -0.21
CA TRP A 438 -21.67 -3.65 0.20
C TRP A 438 -22.09 -3.03 1.51
N MET A 439 -21.12 -2.94 2.43
CA MET A 439 -21.37 -2.42 3.76
C MET A 439 -21.68 -0.95 3.71
N TYR A 440 -20.97 -0.23 2.84
CA TYR A 440 -21.18 1.21 2.72
C TYR A 440 -22.55 1.48 2.10
N MET A 441 -22.89 0.73 1.06
CA MET A 441 -24.19 0.88 0.41
C MET A 441 -25.33 0.58 1.41
N ARG A 442 -25.18 -0.53 2.14
CA ARG A 442 -26.20 -0.95 3.10
C ARG A 442 -26.32 -0.02 4.30
N ASN A 443 -25.18 0.31 4.91
CA ASN A 443 -25.18 1.04 6.17
C ASN A 443 -25.25 2.57 6.02
N VAL A 444 -24.80 3.09 4.88
CA VAL A 444 -24.71 4.53 4.70
C VAL A 444 -25.68 5.10 3.67
N LEU A 445 -25.46 4.72 2.41
CA LEU A 445 -26.21 5.28 1.28
C LEU A 445 -27.68 4.86 1.24
N LEU A 446 -27.94 3.57 1.47
CA LEU A 446 -29.33 3.09 1.48
C LEU A 446 -30.11 3.87 2.54
N GLU A 447 -29.55 3.98 3.73
CA GLU A 447 -30.20 4.70 4.82
C GLU A 447 -30.54 6.16 4.43
N LYS A 448 -29.62 6.83 3.74
CA LYS A 448 -29.82 8.22 3.34
C LYS A 448 -30.88 8.42 2.24
N ILE A 449 -30.91 7.51 1.27
CA ILE A 449 -31.92 7.56 0.22
C ILE A 449 -33.30 7.19 0.79
N THR A 450 -33.33 6.28 1.76
CA THR A 450 -34.57 5.87 2.42
C THR A 450 -35.16 7.01 3.27
N GLU A 451 -34.30 7.68 4.04
CA GLU A 451 -34.75 8.79 4.86
C GLU A 451 -35.20 9.96 3.99
N ALA A 452 -34.48 10.22 2.91
CA ALA A 452 -34.87 11.25 1.97
C ALA A 452 -36.23 10.92 1.38
N ASN A 453 -36.39 9.66 1.00
CA ASN A 453 -37.60 9.18 0.36
C ASN A 453 -38.84 9.28 1.23
N GLN A 454 -38.65 9.11 2.53
CA GLN A 454 -39.78 9.14 3.44
C GLN A 454 -40.39 10.53 3.57
N GLU A 455 -39.65 11.56 3.21
CA GLU A 455 -40.24 12.87 2.95
C GLU A 455 -40.35 13.07 1.45
N GLY A 456 -40.51 14.32 1.03
CA GLY A 456 -40.61 14.59 -0.39
C GLY A 456 -39.22 14.81 -0.92
N SER A 457 -38.28 14.97 0.01
CA SER A 457 -36.92 15.41 -0.27
C SER A 457 -36.37 14.96 -1.61
N ASP A 458 -36.21 15.92 -2.52
CA ASP A 458 -35.39 15.72 -3.71
C ASP A 458 -33.94 15.79 -3.22
N MET A 459 -33.21 14.69 -3.42
CA MET A 459 -31.84 14.60 -2.90
C MET A 459 -30.89 15.61 -3.56
N ARG A 460 -31.18 15.98 -4.80
CA ARG A 460 -30.37 16.94 -5.53
C ARG A 460 -30.25 18.30 -4.83
N GLU A 461 -31.08 18.52 -3.82
CA GLU A 461 -31.04 19.81 -3.12
C GLU A 461 -29.90 19.91 -2.13
N GLN A 462 -29.91 19.08 -1.08
CA GLN A 462 -28.87 19.13 -0.07
C GLN A 462 -27.95 17.90 -0.08
N GLU A 463 -28.14 17.02 -1.05
CA GLU A 463 -27.33 15.79 -1.09
C GLU A 463 -27.07 15.27 -2.50
N LYS A 464 -26.88 16.17 -3.47
CA LYS A 464 -26.61 15.77 -4.84
C LYS A 464 -25.44 14.76 -4.92
N ASN A 465 -24.39 15.04 -4.15
CA ASN A 465 -23.19 14.21 -4.14
C ASN A 465 -23.46 12.79 -3.65
N ILE A 466 -24.29 12.67 -2.61
CA ILE A 466 -24.70 11.38 -2.09
C ILE A 466 -25.47 10.61 -3.14
N TRP A 467 -26.33 11.30 -3.86
CA TRP A 467 -27.20 10.66 -4.85
C TRP A 467 -26.39 10.15 -6.04
N THR A 468 -25.47 10.98 -6.53
CA THR A 468 -24.65 10.57 -7.67
C THR A 468 -23.68 9.46 -7.31
N ALA A 469 -23.15 9.48 -6.08
CA ALA A 469 -22.30 8.40 -5.62
C ALA A 469 -23.06 7.07 -5.57
N SER A 470 -24.29 7.12 -5.07
CA SER A 470 -25.16 5.94 -5.01
C SER A 470 -25.33 5.30 -6.38
N GLN A 471 -25.64 6.12 -7.38
CA GLN A 471 -25.84 5.61 -8.74
C GLN A 471 -24.58 4.98 -9.31
N ILE A 472 -23.44 5.62 -9.06
CA ILE A 472 -22.18 5.09 -9.54
C ILE A 472 -21.84 3.78 -8.86
N MET A 473 -21.98 3.76 -7.53
CA MET A 473 -21.70 2.54 -6.80
C MET A 473 -22.70 1.42 -7.16
N LYS A 474 -23.97 1.77 -7.26
CA LYS A 474 -24.99 0.78 -7.61
C LYS A 474 -24.67 0.08 -8.92
N ALA A 475 -24.39 0.87 -9.94
CA ALA A 475 -24.13 0.31 -11.26
C ALA A 475 -22.94 -0.64 -11.21
N GLU A 476 -21.89 -0.25 -10.52
CA GLU A 476 -20.71 -1.10 -10.40
C GLU A 476 -21.02 -2.35 -9.60
N MET A 477 -21.92 -2.25 -8.63
CA MET A 477 -22.33 -3.41 -7.86
C MET A 477 -23.24 -4.37 -8.64
N GLU A 478 -24.05 -3.84 -9.54
CA GLU A 478 -24.85 -4.67 -10.42
C GLU A 478 -23.93 -5.59 -11.20
N ARG A 479 -22.82 -5.04 -11.68
CA ARG A 479 -21.85 -5.83 -12.45
C ARG A 479 -21.23 -6.93 -11.61
N TRP A 480 -20.99 -6.63 -10.34
CA TRP A 480 -20.43 -7.62 -9.43
C TRP A 480 -21.41 -8.78 -9.20
N MET A 481 -22.70 -8.45 -9.10
CA MET A 481 -23.72 -9.47 -8.93
C MET A 481 -23.74 -10.37 -10.15
N ASP A 482 -23.93 -9.77 -11.32
CA ASP A 482 -23.92 -10.47 -12.59
C ASP A 482 -22.75 -11.44 -12.69
N ARG A 483 -21.56 -10.97 -12.35
CA ARG A 483 -20.38 -11.82 -12.40
C ARG A 483 -20.51 -13.00 -11.43
N GLU A 484 -21.06 -12.75 -10.26
CA GLU A 484 -21.17 -13.77 -9.23
C GLU A 484 -22.18 -14.84 -9.65
N LEU A 485 -23.24 -14.42 -10.33
CA LEU A 485 -24.28 -15.34 -10.78
C LEU A 485 -23.81 -16.15 -11.98
N ARG A 486 -22.73 -15.70 -12.62
CA ARG A 486 -22.21 -16.38 -13.78
C ARG A 486 -21.21 -17.42 -13.39
N LEU A 487 -20.37 -17.10 -12.45
CA LEU A 487 -19.29 -18.02 -12.09
C LEU A 487 -19.17 -18.28 -10.59
N GLY A 488 -20.24 -18.01 -9.85
CA GLY A 488 -20.28 -18.29 -8.43
C GLY A 488 -19.43 -17.37 -7.57
N PRO A 489 -19.54 -17.51 -6.24
CA PRO A 489 -18.82 -16.72 -5.24
C PRO A 489 -17.31 -16.99 -5.27
N GLU A 490 -16.58 -16.35 -4.36
CA GLU A 490 -15.15 -16.58 -4.24
C GLU A 490 -14.82 -17.30 -2.95
N ILE A 494 -17.81 -13.96 2.82
CA ILE A 494 -18.26 -13.30 4.04
C ILE A 494 -19.74 -12.90 4.00
N LEU A 495 -20.18 -12.42 2.83
CA LEU A 495 -21.58 -12.07 2.59
C LEU A 495 -22.18 -13.01 1.59
N PRO A 496 -23.13 -13.85 2.02
CA PRO A 496 -23.73 -14.82 1.11
C PRO A 496 -24.37 -14.14 -0.10
N THR A 497 -24.40 -14.85 -1.21
CA THR A 497 -25.03 -14.36 -2.43
C THR A 497 -26.44 -13.87 -2.16
N ASP A 498 -27.15 -14.60 -1.30
CA ASP A 498 -28.53 -14.28 -0.94
C ASP A 498 -28.65 -12.93 -0.24
N ASP A 499 -27.71 -12.62 0.65
CA ASP A 499 -27.68 -11.33 1.35
C ASP A 499 -27.47 -10.17 0.37
N LYS A 500 -26.46 -10.33 -0.48
CA LYS A 500 -26.16 -9.34 -1.51
C LYS A 500 -27.40 -9.04 -2.33
N ASN A 501 -28.12 -10.07 -2.70
CA ASN A 501 -29.29 -9.89 -3.50
C ASN A 501 -30.38 -9.15 -2.75
N LYS A 502 -30.48 -9.40 -1.47
CA LYS A 502 -31.43 -8.70 -0.60
C LYS A 502 -31.09 -7.21 -0.46
N ILE A 503 -29.81 -6.89 -0.56
CA ILE A 503 -29.40 -5.49 -0.52
C ILE A 503 -29.68 -4.77 -1.85
N MET A 504 -29.29 -5.41 -2.95
CA MET A 504 -29.59 -4.88 -4.28
C MET A 504 -31.07 -4.56 -4.53
N ILE A 505 -31.95 -5.52 -4.26
CA ILE A 505 -33.38 -5.31 -4.46
C ILE A 505 -33.85 -4.10 -3.66
N SER A 506 -33.42 -4.02 -2.41
CA SER A 506 -33.72 -2.87 -1.56
C SER A 506 -33.11 -1.55 -2.09
N VAL A 507 -31.90 -1.61 -2.63
CA VAL A 507 -31.32 -0.41 -3.25
C VAL A 507 -32.08 0.00 -4.50
N ARG A 508 -32.34 -0.95 -5.39
CA ARG A 508 -33.07 -0.65 -6.61
C ARG A 508 -34.40 0.01 -6.27
N LYS A 509 -35.03 -0.49 -5.22
CA LYS A 509 -36.35 -0.01 -4.85
C LYS A 509 -36.30 1.45 -4.47
N GLN A 510 -35.44 1.78 -3.51
CA GLN A 510 -35.35 3.14 -3.01
C GLN A 510 -34.83 4.07 -4.09
N ILE A 511 -33.99 3.54 -4.98
CA ILE A 511 -33.43 4.39 -6.02
C ILE A 511 -34.55 4.79 -6.97
N GLU A 512 -35.36 3.82 -7.37
CA GLU A 512 -36.50 4.08 -8.25
C GLU A 512 -37.52 4.98 -7.57
N ILE A 513 -37.76 4.78 -6.28
CA ILE A 513 -38.66 5.68 -5.57
C ILE A 513 -38.16 7.13 -5.67
N GLN A 514 -36.88 7.36 -5.39
CA GLN A 514 -36.32 8.72 -5.43
C GLN A 514 -36.37 9.37 -6.82
N THR A 515 -36.13 8.59 -7.87
CA THR A 515 -36.14 9.18 -9.21
C THR A 515 -37.56 9.57 -9.65
N LYS A 516 -38.55 8.90 -9.09
CA LYS A 516 -39.94 9.30 -9.32
C LYS A 516 -40.22 10.61 -8.57
N ILE A 517 -39.79 10.68 -7.33
CA ILE A 517 -39.84 11.92 -6.56
C ILE A 517 -39.13 13.05 -7.32
N GLN A 518 -38.27 12.68 -8.27
CA GLN A 518 -37.51 13.68 -9.02
C GLN A 518 -38.24 14.09 -10.30
N ASN A 519 -38.55 13.10 -11.14
CA ASN A 519 -39.38 13.34 -12.33
C ASN A 519 -40.67 14.08 -11.97
N ALA A 520 -40.91 14.23 -10.68
CA ALA A 520 -42.00 15.05 -10.17
C ALA A 520 -41.46 16.42 -9.74
N ALA B 1 22.42 -21.29 -0.72
CA ALA B 1 22.09 -22.23 0.33
C ALA B 1 21.28 -23.39 -0.22
N ARG B 2 21.39 -24.55 0.42
CA ARG B 2 20.64 -25.72 -0.01
C ARG B 2 19.34 -25.85 0.78
N THR B 3 18.24 -25.95 0.04
CA THR B 3 16.92 -25.94 0.67
C THR B 3 16.04 -27.08 0.18
N GLN B 5 11.52 -28.33 0.40
CA GLN B 5 10.17 -28.12 0.91
C GLN B 5 9.43 -29.44 0.84
N THR B 6 8.46 -29.63 1.73
CA THR B 6 7.76 -30.91 1.81
C THR B 6 6.24 -30.73 1.96
N LYS C 4 7.30 -9.99 -10.84
CA LYS C 4 6.98 -8.68 -11.39
C LYS C 4 6.40 -7.67 -10.37
N GLN C 5 5.41 -8.10 -9.59
CA GLN C 5 4.66 -7.18 -8.72
C GLN C 5 4.91 -7.37 -7.21
N THR C 6 6.15 -7.60 -6.83
CA THR C 6 6.43 -7.86 -5.41
C THR C 6 6.86 -6.60 -4.63
N ALA C 7 7.69 -5.75 -5.23
CA ALA C 7 8.21 -4.55 -4.55
C ALA C 7 7.21 -3.38 -4.48
N ARG C 8 6.31 -3.42 -3.50
CA ARG C 8 5.15 -2.55 -3.49
C ARG C 8 4.52 -2.52 -2.09
N SER C 10 2.45 -3.19 1.12
CA SER C 10 1.86 -4.45 1.55
C SER C 10 0.92 -4.30 2.74
N THR C 11 -0.27 -4.87 2.64
CA THR C 11 -1.20 -4.92 3.76
C THR C 11 -1.74 -6.32 3.98
#